data_3O6N
#
_entry.id   3O6N
#
_cell.length_a   38.770
_cell.length_b   70.350
_cell.length_c   161.760
_cell.angle_alpha   90.000
_cell.angle_beta   90.000
_cell.angle_gamma   90.000
#
_symmetry.space_group_name_H-M   'P 21 21 21'
#
loop_
_entity.id
_entity.type
_entity.pdbx_description
1 polymer APL1
2 branched 2-acetamido-2-deoxy-beta-D-glucopyranose-(1-4)-2-acetamido-2-deoxy-beta-D-glucopyranose
3 non-polymer 2-acetamido-2-deoxy-beta-D-glucopyranose
4 water water
#
_entity_poly.entity_id   1
_entity_poly.type   'polypeptide(L)'
_entity_poly.pdbx_seq_one_letter_code
;YNVKPRQPEYKCIDSNLQYDCVFYDVHIDMQTQDVYFGFEDITLNNQKIVTFKNSTMRKLPAALLDSFRQVELLNLNDLQ
IEEIDTYAFAYAHTIQKLYMGFNAIRYLPPHVFQNVPLLTVLVLERNDLSSLPRGIFHNTPKLTTLSMSNNNLERIEDDT
FQATTSLQNLQLSSNRLTHVDLSLIPSLFHANVSYNLLSTLAIPIAVEELDASHNSINVVRGPVNVELTILKLQHNNLTD
TAWLLNYPGLVEVDLSYNELEKIMYHPFVKMQRLERLYISNNRLVALNLYGQPIPTLKVLDLSHNHLLHVERNQPQFDRL
ENLYLDHNSIVTLKLSTHHTLKNLTLSHNDWDCNSLRALFRNVARPAVDDADQHCKIDYQLEHGLCCKES
;
_entity_poly.pdbx_strand_id   A
#
loop_
_chem_comp.id
_chem_comp.type
_chem_comp.name
_chem_comp.formula
NAG D-saccharide, beta linking 2-acetamido-2-deoxy-beta-D-glucopyranose 'C8 H15 N O6'
#
# COMPACT_ATOMS: atom_id res chain seq x y z
N GLN A 7 26.02 -38.64 -2.33
CA GLN A 7 25.80 -38.08 -1.01
C GLN A 7 26.67 -36.85 -0.77
N PRO A 8 26.33 -35.74 -1.46
CA PRO A 8 27.06 -34.48 -1.34
C PRO A 8 27.04 -33.92 0.07
N GLU A 9 28.10 -33.20 0.43
CA GLU A 9 28.22 -32.59 1.73
C GLU A 9 28.50 -31.11 1.56
N TYR A 10 27.53 -30.27 1.90
CA TYR A 10 27.67 -28.83 1.72
C TYR A 10 28.10 -28.15 3.01
N LYS A 11 29.22 -27.42 2.94
CA LYS A 11 29.79 -26.76 4.11
C LYS A 11 29.68 -25.25 3.97
N CYS A 12 29.74 -24.54 5.09
CA CYS A 12 29.74 -23.08 5.07
C CYS A 12 31.01 -22.59 4.37
N ILE A 13 30.97 -21.33 3.91
CA ILE A 13 32.08 -20.75 3.15
C ILE A 13 32.28 -21.46 1.82
N ASP A 20 27.10 -15.64 9.27
CA ASP A 20 28.34 -16.39 9.50
C ASP A 20 28.38 -17.75 8.79
N CYS A 21 27.38 -18.03 7.96
CA CYS A 21 27.40 -19.25 7.15
C CYS A 21 26.77 -19.06 5.78
N VAL A 22 27.61 -19.08 4.75
CA VAL A 22 27.14 -19.01 3.39
C VAL A 22 27.41 -20.31 2.64
N PHE A 23 26.34 -21.00 2.24
CA PHE A 23 26.46 -22.21 1.43
C PHE A 23 26.58 -21.80 -0.03
N TYR A 24 27.42 -22.54 -0.77
CA TYR A 24 27.61 -22.28 -2.18
C TYR A 24 27.28 -23.52 -3.03
N ASP A 25 26.58 -23.30 -4.14
CA ASP A 25 26.38 -24.34 -5.14
C ASP A 25 25.63 -25.57 -4.62
N VAL A 26 24.63 -25.33 -3.78
CA VAL A 26 23.76 -26.40 -3.32
C VAL A 26 22.72 -26.65 -4.40
N HIS A 27 22.60 -27.90 -4.83
CA HIS A 27 21.62 -28.23 -5.85
C HIS A 27 20.83 -29.48 -5.50
N ILE A 28 19.61 -29.25 -5.02
CA ILE A 28 18.70 -30.32 -4.64
C ILE A 28 17.45 -30.19 -5.48
N ASP A 29 17.07 -31.25 -6.17
CA ASP A 29 15.79 -31.26 -6.85
C ASP A 29 14.81 -32.16 -6.11
N MET A 30 13.62 -32.35 -6.67
CA MET A 30 12.60 -33.17 -6.04
C MET A 30 13.09 -34.61 -5.87
N GLN A 31 13.79 -35.10 -6.87
CA GLN A 31 14.27 -36.48 -6.89
C GLN A 31 15.35 -36.74 -5.84
N THR A 32 16.29 -35.81 -5.70
CA THR A 32 17.44 -35.96 -4.82
C THR A 32 17.09 -36.65 -3.50
N GLN A 33 17.87 -37.67 -3.14
CA GLN A 33 17.73 -38.32 -1.85
C GLN A 33 18.33 -37.45 -0.76
N ASP A 34 18.47 -38.00 0.44
CA ASP A 34 19.01 -37.26 1.57
C ASP A 34 20.40 -36.70 1.27
N VAL A 35 20.65 -35.48 1.71
CA VAL A 35 21.92 -34.79 1.48
C VAL A 35 22.49 -34.35 2.84
N TYR A 36 23.75 -33.92 2.86
CA TYR A 36 24.40 -33.52 4.10
C TYR A 36 24.75 -32.04 4.15
N PHE A 37 24.51 -31.42 5.30
CA PHE A 37 24.86 -30.03 5.55
C PHE A 37 25.82 -29.93 6.73
N GLY A 38 26.82 -29.08 6.60
CA GLY A 38 27.77 -28.84 7.68
C GLY A 38 28.55 -30.06 8.10
N PHE A 39 29.00 -30.07 9.35
CA PHE A 39 29.73 -31.19 9.92
C PHE A 39 28.77 -32.21 10.55
N GLU A 40 29.19 -33.48 10.54
CA GLU A 40 28.39 -34.53 11.16
C GLU A 40 28.17 -34.21 12.63
N ASP A 41 29.19 -33.68 13.29
CA ASP A 41 29.07 -33.25 14.67
C ASP A 41 28.26 -31.95 14.73
N ILE A 42 27.00 -32.07 15.18
CA ILE A 42 26.07 -30.95 15.22
C ILE A 42 26.62 -29.72 15.94
N THR A 43 27.38 -29.94 17.00
CA THR A 43 27.88 -28.85 17.83
C THR A 43 28.82 -27.92 17.08
N LEU A 44 29.36 -28.38 15.95
CA LEU A 44 30.26 -27.56 15.15
C LEU A 44 29.51 -26.60 14.23
N ASN A 45 28.23 -26.89 13.99
CA ASN A 45 27.38 -26.05 13.17
C ASN A 45 26.66 -25.02 14.03
N ASN A 46 27.44 -24.12 14.62
CA ASN A 46 26.91 -23.16 15.58
C ASN A 46 26.60 -21.81 14.95
N GLN A 47 26.63 -21.76 13.63
CA GLN A 47 26.37 -20.52 12.90
C GLN A 47 24.94 -20.03 13.13
N LYS A 48 24.79 -18.71 13.25
CA LYS A 48 23.49 -18.11 13.57
C LYS A 48 22.83 -17.45 12.35
N ILE A 49 23.65 -17.10 11.36
CA ILE A 49 23.15 -16.44 10.16
C ILE A 49 23.42 -17.30 8.94
N VAL A 50 22.36 -17.75 8.27
CA VAL A 50 22.50 -18.70 7.18
C VAL A 50 21.92 -18.18 5.89
N THR A 51 22.73 -18.17 4.84
CA THR A 51 22.25 -17.82 3.52
C THR A 51 22.86 -18.72 2.46
N PHE A 52 22.31 -18.66 1.26
CA PHE A 52 22.76 -19.50 0.15
C PHE A 52 23.16 -18.63 -1.03
N LYS A 53 24.15 -19.08 -1.78
CA LYS A 53 24.56 -18.40 -3.01
C LYS A 53 24.65 -19.40 -4.15
N ASN A 54 24.15 -19.01 -5.32
CA ASN A 54 24.19 -19.87 -6.49
C ASN A 54 23.66 -21.26 -6.18
N SER A 55 22.53 -21.30 -5.47
CA SER A 55 21.96 -22.57 -5.01
C SER A 55 20.50 -22.75 -5.42
N THR A 56 20.08 -24.01 -5.49
CA THR A 56 18.69 -24.36 -5.72
C THR A 56 18.29 -25.52 -4.81
N MET A 57 17.15 -25.40 -4.16
CA MET A 57 16.60 -26.48 -3.35
C MET A 57 15.11 -26.60 -3.64
N ARG A 58 14.76 -27.40 -4.63
CA ARG A 58 13.38 -27.49 -5.09
C ARG A 58 12.47 -28.05 -3.99
N LYS A 59 13.05 -28.87 -3.11
CA LYS A 59 12.38 -29.25 -1.88
C LYS A 59 13.31 -28.92 -0.71
N LEU A 60 12.80 -28.17 0.26
CA LEU A 60 13.58 -27.85 1.45
C LEU A 60 13.67 -29.06 2.37
N PRO A 61 14.88 -29.59 2.59
CA PRO A 61 15.08 -30.82 3.37
C PRO A 61 15.17 -30.59 4.86
N ALA A 62 14.79 -31.59 5.65
CA ALA A 62 14.94 -31.52 7.10
C ALA A 62 16.41 -31.51 7.53
N ALA A 63 17.26 -32.02 6.65
CA ALA A 63 18.68 -32.17 6.96
C ALA A 63 19.36 -30.86 7.31
N LEU A 64 18.87 -29.76 6.75
CA LEU A 64 19.50 -28.46 6.97
C LEU A 64 19.45 -28.05 8.44
N LEU A 65 18.24 -27.91 8.98
CA LEU A 65 18.06 -27.49 10.37
C LEU A 65 18.23 -28.64 11.36
N ASP A 66 18.27 -29.87 10.86
CA ASP A 66 18.61 -31.00 11.72
C ASP A 66 20.08 -30.91 12.12
N SER A 67 20.88 -30.31 11.25
CA SER A 67 22.32 -30.16 11.47
C SER A 67 22.70 -28.79 12.02
N PHE A 68 21.97 -27.76 11.61
CA PHE A 68 22.18 -26.42 12.11
C PHE A 68 21.06 -26.02 13.04
N ARG A 69 21.27 -26.19 14.34
CA ARG A 69 20.21 -26.02 15.33
C ARG A 69 20.31 -24.74 16.15
N GLN A 70 21.16 -23.82 15.72
CA GLN A 70 21.32 -22.56 16.43
C GLN A 70 21.10 -21.36 15.51
N VAL A 71 20.41 -21.60 14.39
CA VAL A 71 20.15 -20.55 13.41
C VAL A 71 19.16 -19.52 13.96
N GLU A 72 19.50 -18.24 13.81
CA GLU A 72 18.63 -17.16 14.26
C GLU A 72 18.02 -16.44 13.07
N LEU A 73 18.80 -16.33 12.00
CA LEU A 73 18.32 -15.73 10.75
C LEU A 73 18.56 -16.69 9.60
N LEU A 74 17.47 -17.15 9.00
CA LEU A 74 17.57 -18.10 7.88
C LEU A 74 17.06 -17.45 6.59
N ASN A 75 17.95 -17.29 5.63
CA ASN A 75 17.61 -16.68 4.36
C ASN A 75 17.46 -17.73 3.26
N LEU A 76 16.22 -18.08 2.95
CA LEU A 76 15.94 -19.03 1.87
C LEU A 76 15.28 -18.33 0.69
N ASN A 77 15.53 -17.04 0.55
CA ASN A 77 15.00 -16.26 -0.56
C ASN A 77 15.54 -16.74 -1.91
N ASP A 78 14.64 -16.88 -2.89
CA ASP A 78 15.03 -17.21 -4.26
C ASP A 78 15.89 -18.47 -4.40
N LEU A 79 15.45 -19.54 -3.74
CA LEU A 79 16.15 -20.83 -3.81
C LEU A 79 15.38 -21.79 -4.72
N GLN A 80 14.38 -21.27 -5.41
CA GLN A 80 13.53 -22.07 -6.29
C GLN A 80 12.85 -23.23 -5.54
N ILE A 81 12.43 -22.95 -4.31
CA ILE A 81 11.76 -23.95 -3.48
C ILE A 81 10.31 -24.13 -3.91
N GLU A 82 9.91 -25.38 -4.15
CA GLU A 82 8.54 -25.69 -4.52
C GLU A 82 7.77 -26.35 -3.39
N GLU A 83 8.51 -27.06 -2.52
N GLU A 83 8.51 -27.06 -2.52
CA GLU A 83 7.87 -27.76 -1.40
CA GLU A 83 7.89 -27.76 -1.40
C GLU A 83 8.78 -27.78 -0.16
C GLU A 83 8.77 -27.72 -0.16
N ILE A 84 8.15 -27.72 1.01
CA ILE A 84 8.87 -27.75 2.28
C ILE A 84 8.63 -29.10 2.93
N ASP A 85 9.71 -29.82 3.26
CA ASP A 85 9.56 -31.10 3.95
C ASP A 85 8.76 -30.89 5.23
N THR A 86 7.87 -31.82 5.53
CA THR A 86 6.97 -31.67 6.67
C THR A 86 7.71 -31.31 7.96
N TYR A 87 8.85 -31.93 8.20
CA TYR A 87 9.59 -31.71 9.44
C TYR A 87 10.80 -30.80 9.29
N ALA A 88 10.84 -30.03 8.21
CA ALA A 88 11.96 -29.15 7.93
C ALA A 88 12.28 -28.22 9.10
N PHE A 89 11.24 -27.76 9.80
CA PHE A 89 11.44 -26.82 10.90
C PHE A 89 11.22 -27.43 12.28
N ALA A 90 11.48 -28.73 12.40
CA ALA A 90 11.34 -29.43 13.68
C ALA A 90 12.33 -28.91 14.73
N TYR A 91 13.57 -28.67 14.32
CA TYR A 91 14.60 -28.16 15.22
C TYR A 91 14.91 -26.68 14.97
N ALA A 92 13.87 -25.88 14.75
CA ALA A 92 14.07 -24.49 14.39
C ALA A 92 13.80 -23.54 15.56
N HIS A 93 13.87 -24.08 16.78
CA HIS A 93 13.49 -23.36 18.00
C HIS A 93 14.17 -22.01 18.20
N THR A 94 15.34 -21.83 17.60
CA THR A 94 16.10 -20.60 17.80
C THR A 94 15.88 -19.54 16.72
N ILE A 95 15.17 -19.89 15.66
CA ILE A 95 14.98 -18.96 14.54
C ILE A 95 14.13 -17.75 14.92
N GLN A 96 14.63 -16.56 14.57
CA GLN A 96 13.94 -15.32 14.87
C GLN A 96 13.44 -14.66 13.59
N LYS A 97 14.23 -14.79 12.52
CA LYS A 97 13.86 -14.19 11.24
C LYS A 97 13.96 -15.22 10.13
N LEU A 98 12.86 -15.43 9.43
CA LEU A 98 12.79 -16.47 8.39
C LEU A 98 12.36 -15.86 7.05
N TYR A 99 13.24 -15.98 6.06
CA TYR A 99 12.95 -15.43 4.75
C TYR A 99 12.80 -16.54 3.73
N MET A 100 11.59 -16.66 3.16
CA MET A 100 11.30 -17.70 2.18
C MET A 100 10.57 -17.13 0.98
N GLY A 101 10.85 -15.87 0.68
CA GLY A 101 10.22 -15.19 -0.44
C GLY A 101 10.84 -15.57 -1.78
N PHE A 102 10.16 -15.21 -2.86
CA PHE A 102 10.69 -15.41 -4.19
C PHE A 102 10.99 -16.88 -4.48
N ASN A 103 10.02 -17.73 -4.13
CA ASN A 103 10.09 -19.15 -4.46
C ASN A 103 8.84 -19.57 -5.23
N ALA A 104 8.50 -20.85 -5.15
CA ALA A 104 7.29 -21.34 -5.81
C ALA A 104 6.54 -22.28 -4.87
N ILE A 105 6.46 -21.88 -3.61
CA ILE A 105 5.87 -22.74 -2.57
C ILE A 105 4.36 -22.75 -2.68
N ARG A 106 3.80 -23.94 -2.81
CA ARG A 106 2.37 -24.08 -3.07
C ARG A 106 1.52 -24.18 -1.80
N TYR A 107 2.10 -24.71 -0.73
CA TYR A 107 1.39 -24.81 0.54
C TYR A 107 2.32 -24.86 1.73
N LEU A 108 1.80 -24.47 2.89
CA LEU A 108 2.53 -24.57 4.14
C LEU A 108 2.07 -25.80 4.91
N PRO A 109 3.00 -26.69 5.28
CA PRO A 109 2.62 -27.79 6.17
C PRO A 109 1.93 -27.24 7.42
N PRO A 110 0.83 -27.87 7.84
CA PRO A 110 -0.04 -27.36 8.92
C PRO A 110 0.72 -26.94 10.19
N HIS A 111 1.74 -27.70 10.57
CA HIS A 111 2.46 -27.40 11.80
C HIS A 111 3.88 -26.91 11.54
N VAL A 112 4.09 -26.33 10.37
CA VAL A 112 5.42 -25.87 9.99
C VAL A 112 6.01 -24.86 10.97
N PHE A 113 5.16 -24.04 11.58
CA PHE A 113 5.63 -23.02 12.51
C PHE A 113 5.25 -23.35 13.94
N GLN A 114 5.19 -24.64 14.24
CA GLN A 114 4.82 -25.10 15.58
C GLN A 114 5.99 -24.98 16.55
N ASN A 115 7.21 -25.03 16.02
CA ASN A 115 8.41 -25.00 16.85
C ASN A 115 9.33 -23.81 16.57
N VAL A 116 8.74 -22.66 16.24
CA VAL A 116 9.51 -21.42 16.10
C VAL A 116 8.93 -20.32 16.99
N PRO A 117 8.98 -20.52 18.32
CA PRO A 117 8.35 -19.59 19.26
C PRO A 117 8.94 -18.19 19.26
N LEU A 118 10.17 -18.04 18.78
CA LEU A 118 10.86 -16.75 18.83
C LEU A 118 10.73 -15.97 17.53
N LEU A 119 9.92 -16.46 16.60
CA LEU A 119 9.78 -15.85 15.28
C LEU A 119 9.26 -14.42 15.38
N THR A 120 9.99 -13.47 14.80
CA THR A 120 9.57 -12.08 14.79
C THR A 120 9.36 -11.56 13.37
N VAL A 121 10.09 -12.13 12.41
CA VAL A 121 9.98 -11.73 11.02
C VAL A 121 9.78 -12.92 10.10
N LEU A 122 8.74 -12.88 9.27
CA LEU A 122 8.50 -13.97 8.32
C LEU A 122 8.17 -13.40 6.94
N VAL A 123 8.92 -13.82 5.93
CA VAL A 123 8.69 -13.35 4.58
C VAL A 123 8.36 -14.50 3.65
N LEU A 124 7.18 -14.45 3.06
CA LEU A 124 6.69 -15.45 2.13
C LEU A 124 6.26 -14.78 0.83
N GLU A 125 6.70 -13.54 0.62
CA GLU A 125 6.40 -12.79 -0.59
C GLU A 125 6.73 -13.58 -1.86
N ARG A 126 5.87 -13.46 -2.86
CA ARG A 126 6.06 -14.10 -4.17
C ARG A 126 6.21 -15.62 -4.10
N ASN A 127 5.10 -16.30 -3.84
CA ASN A 127 5.04 -17.75 -3.85
C ASN A 127 3.73 -18.20 -4.48
N ASP A 128 3.30 -19.43 -4.19
CA ASP A 128 2.09 -19.99 -4.79
C ASP A 128 1.03 -20.35 -3.76
N LEU A 129 1.01 -19.63 -2.64
CA LEU A 129 0.07 -19.97 -1.57
C LEU A 129 -1.35 -19.57 -1.93
N SER A 130 -2.30 -20.49 -1.73
N SER A 130 -2.29 -20.50 -1.73
CA SER A 130 -3.70 -20.21 -2.04
CA SER A 130 -3.70 -20.27 -2.04
C SER A 130 -4.57 -20.19 -0.79
C SER A 130 -4.53 -20.12 -0.78
N SER A 131 -4.04 -20.69 0.32
CA SER A 131 -4.73 -20.62 1.60
C SER A 131 -3.76 -20.81 2.75
N LEU A 132 -4.21 -20.48 3.95
CA LEU A 132 -3.42 -20.68 5.15
C LEU A 132 -4.05 -21.77 6.02
N PRO A 133 -3.23 -22.70 6.50
CA PRO A 133 -3.72 -23.75 7.41
C PRO A 133 -4.22 -23.13 8.71
N ARG A 134 -5.31 -23.67 9.25
CA ARG A 134 -5.81 -23.21 10.53
C ARG A 134 -4.70 -23.32 11.57
N GLY A 135 -4.46 -22.22 12.30
CA GLY A 135 -3.51 -22.23 13.39
C GLY A 135 -2.06 -22.00 12.99
N ILE A 136 -1.86 -21.58 11.74
CA ILE A 136 -0.51 -21.40 11.22
C ILE A 136 0.37 -20.50 12.08
N PHE A 137 -0.21 -19.45 12.65
CA PHE A 137 0.54 -18.51 13.47
C PHE A 137 0.08 -18.52 14.92
N HIS A 138 -0.58 -19.60 15.34
CA HIS A 138 -1.08 -19.67 16.70
C HIS A 138 0.03 -19.83 17.74
N ASN A 139 1.20 -20.28 17.29
CA ASN A 139 2.34 -20.45 18.18
C ASN A 139 3.50 -19.50 17.91
N THR A 140 3.22 -18.39 17.23
CA THR A 140 4.26 -17.38 16.97
C THR A 140 3.83 -16.01 17.51
N PRO A 141 3.72 -15.90 18.83
CA PRO A 141 3.18 -14.70 19.48
C PRO A 141 4.10 -13.48 19.35
N LYS A 142 5.36 -13.70 19.00
CA LYS A 142 6.33 -12.61 18.88
C LYS A 142 6.39 -12.00 17.50
N LEU A 143 5.59 -12.52 16.56
CA LEU A 143 5.62 -12.06 15.17
C LEU A 143 5.31 -10.57 15.06
N THR A 144 6.23 -9.82 14.47
CA THR A 144 6.05 -8.37 14.34
C THR A 144 5.98 -7.91 12.89
N THR A 145 6.65 -8.66 12.01
CA THR A 145 6.62 -8.36 10.58
C THR A 145 6.27 -9.60 9.78
N LEU A 146 5.23 -9.50 8.95
CA LEU A 146 4.82 -10.59 8.08
C LEU A 146 4.51 -10.10 6.68
N SER A 147 5.10 -10.75 5.68
CA SER A 147 4.76 -10.46 4.29
C SER A 147 4.31 -11.72 3.56
N MET A 148 3.16 -11.64 2.93
CA MET A 148 2.68 -12.71 2.05
C MET A 148 2.17 -12.12 0.75
N SER A 149 2.74 -10.98 0.38
CA SER A 149 2.36 -10.32 -0.87
C SER A 149 2.72 -11.21 -2.07
N ASN A 150 2.09 -10.94 -3.21
CA ASN A 150 2.31 -11.73 -4.41
C ASN A 150 2.10 -13.23 -4.18
N ASN A 151 0.95 -13.57 -3.62
CA ASN A 151 0.51 -14.97 -3.57
C ASN A 151 -0.89 -15.08 -4.15
N ASN A 152 -1.57 -16.17 -3.85
CA ASN A 152 -2.87 -16.46 -4.43
C ASN A 152 -3.96 -16.58 -3.36
N LEU A 153 -3.76 -15.89 -2.23
CA LEU A 153 -4.66 -16.03 -1.09
C LEU A 153 -6.03 -15.41 -1.35
N GLU A 154 -7.09 -16.12 -0.96
CA GLU A 154 -8.44 -15.62 -1.19
C GLU A 154 -9.09 -15.14 0.10
N ARG A 155 -8.70 -15.74 1.22
N ARG A 155 -8.66 -15.71 1.22
CA ARG A 155 -9.29 -15.37 2.51
CA ARG A 155 -9.25 -15.39 2.49
C ARG A 155 -8.30 -15.51 3.65
C ARG A 155 -8.24 -15.48 3.62
N ILE A 156 -8.29 -14.51 4.53
CA ILE A 156 -7.54 -14.60 5.77
C ILE A 156 -8.62 -14.82 6.83
N GLU A 157 -8.68 -16.00 7.43
CA GLU A 157 -9.72 -16.27 8.42
C GLU A 157 -9.51 -15.43 9.68
N ASP A 158 -10.59 -15.16 10.40
CA ASP A 158 -10.58 -14.20 11.49
C ASP A 158 -9.73 -14.63 12.70
N ASP A 159 -9.43 -15.93 12.80
CA ASP A 159 -8.58 -16.40 13.89
C ASP A 159 -7.09 -16.36 13.53
N THR A 160 -6.78 -15.95 12.31
CA THR A 160 -5.40 -16.04 11.82
C THR A 160 -4.38 -15.36 12.73
N PHE A 161 -4.71 -14.14 13.18
CA PHE A 161 -3.76 -13.35 13.97
C PHE A 161 -4.16 -13.23 15.44
N GLN A 162 -4.95 -14.18 15.93
CA GLN A 162 -5.37 -14.17 17.33
C GLN A 162 -4.21 -14.13 18.31
N ALA A 163 -3.12 -14.83 17.98
CA ALA A 163 -1.98 -14.92 18.88
C ALA A 163 -0.92 -13.84 18.65
N THR A 164 -0.93 -13.23 17.46
CA THR A 164 0.09 -12.27 17.09
C THR A 164 -0.27 -10.86 17.55
N THR A 165 -0.33 -10.68 18.86
CA THR A 165 -0.80 -9.44 19.45
C THR A 165 0.25 -8.32 19.42
N SER A 166 1.39 -8.59 18.80
CA SER A 166 2.41 -7.57 18.63
C SER A 166 2.73 -7.33 17.15
N LEU A 167 1.89 -7.86 16.27
CA LEU A 167 2.12 -7.75 14.84
C LEU A 167 2.03 -6.29 14.40
N GLN A 168 3.11 -5.78 13.81
CA GLN A 168 3.19 -4.37 13.48
C GLN A 168 3.13 -4.07 11.99
N ASN A 169 3.76 -4.92 11.18
CA ASN A 169 3.79 -4.69 9.75
C ASN A 169 3.21 -5.88 9.00
N LEU A 170 2.13 -5.65 8.27
CA LEU A 170 1.46 -6.72 7.53
C LEU A 170 1.35 -6.35 6.05
N GLN A 171 2.02 -7.13 5.20
CA GLN A 171 2.04 -6.90 3.76
C GLN A 171 1.32 -8.06 3.07
N LEU A 172 0.19 -7.76 2.45
CA LEU A 172 -0.64 -8.77 1.77
C LEU A 172 -1.00 -8.33 0.36
N SER A 173 -0.25 -7.36 -0.17
N SER A 173 -0.24 -7.38 -0.18
CA SER A 173 -0.58 -6.81 -1.49
CA SER A 173 -0.52 -6.81 -1.49
C SER A 173 -0.47 -7.86 -2.58
C SER A 173 -0.44 -7.86 -2.59
N SER A 174 -1.24 -7.68 -3.65
CA SER A 174 -1.25 -8.61 -4.77
C SER A 174 -1.55 -10.06 -4.37
N ASN A 175 -2.75 -10.26 -3.83
CA ASN A 175 -3.31 -11.60 -3.71
C ASN A 175 -4.65 -11.61 -4.43
N ARG A 176 -5.60 -12.40 -3.95
CA ARG A 176 -6.95 -12.40 -4.51
C ARG A 176 -7.95 -12.32 -3.37
N LEU A 177 -7.63 -11.50 -2.36
CA LEU A 177 -8.37 -11.52 -1.12
C LEU A 177 -9.74 -10.86 -1.22
N THR A 178 -10.77 -11.59 -0.78
CA THR A 178 -12.11 -11.04 -0.67
C THR A 178 -12.45 -10.77 0.79
N HIS A 179 -11.63 -11.31 1.70
CA HIS A 179 -11.83 -11.06 3.12
C HIS A 179 -10.51 -11.03 3.90
N VAL A 180 -10.30 -9.93 4.62
CA VAL A 180 -9.29 -9.87 5.67
C VAL A 180 -9.69 -8.74 6.63
N ASP A 181 -9.93 -9.10 7.88
CA ASP A 181 -10.41 -8.12 8.86
C ASP A 181 -9.26 -7.54 9.68
N LEU A 182 -8.77 -6.37 9.26
CA LEU A 182 -7.64 -5.73 9.93
C LEU A 182 -8.02 -5.17 11.29
N SER A 183 -9.32 -5.03 11.54
CA SER A 183 -9.79 -4.53 12.83
C SER A 183 -9.42 -5.53 13.93
N LEU A 184 -9.18 -6.76 13.54
CA LEU A 184 -8.82 -7.80 14.50
C LEU A 184 -7.34 -7.82 14.83
N ILE A 185 -6.61 -6.82 14.33
CA ILE A 185 -5.18 -6.72 14.60
C ILE A 185 -4.84 -5.31 15.09
N PRO A 186 -5.28 -4.97 16.32
CA PRO A 186 -5.16 -3.61 16.87
C PRO A 186 -3.71 -3.13 17.01
N SER A 187 -2.75 -4.05 16.99
CA SER A 187 -1.34 -3.68 17.10
C SER A 187 -0.74 -3.11 15.81
N LEU A 188 -1.48 -3.20 14.71
CA LEU A 188 -0.92 -2.82 13.40
C LEU A 188 -0.37 -1.39 13.35
N PHE A 189 0.80 -1.27 12.72
CA PHE A 189 1.47 0.01 12.52
C PHE A 189 1.50 0.37 11.03
N HIS A 190 1.89 -0.60 10.20
CA HIS A 190 1.82 -0.47 8.75
C HIS A 190 1.06 -1.66 8.18
N ALA A 191 0.09 -1.39 7.32
CA ALA A 191 -0.65 -2.46 6.67
C ALA A 191 -0.86 -2.19 5.20
N ASN A 192 -0.69 -3.23 4.39
CA ASN A 192 -0.80 -3.09 2.95
C ASN A 192 -1.66 -4.21 2.37
N VAL A 193 -2.84 -3.87 1.88
CA VAL A 193 -3.73 -4.86 1.28
C VAL A 193 -4.07 -4.48 -0.16
N SER A 194 -3.17 -3.72 -0.77
CA SER A 194 -3.42 -3.23 -2.14
C SER A 194 -3.43 -4.38 -3.13
N TYR A 195 -4.10 -4.16 -4.26
CA TYR A 195 -4.20 -5.17 -5.31
C TYR A 195 -4.85 -6.46 -4.83
N ASN A 196 -6.09 -6.33 -4.37
CA ASN A 196 -6.89 -7.47 -3.99
C ASN A 196 -8.34 -7.30 -4.44
N LEU A 197 -9.26 -8.03 -3.82
CA LEU A 197 -10.66 -8.00 -4.23
C LEU A 197 -11.57 -7.64 -3.05
N LEU A 198 -11.07 -6.77 -2.18
CA LEU A 198 -11.80 -6.38 -0.97
C LEU A 198 -12.94 -5.42 -1.27
N SER A 199 -14.04 -5.56 -0.54
CA SER A 199 -15.18 -4.67 -0.74
C SER A 199 -15.45 -3.80 0.49
N THR A 200 -14.91 -4.22 1.64
N THR A 200 -14.96 -4.23 1.64
CA THR A 200 -15.07 -3.49 2.90
CA THR A 200 -15.04 -3.39 2.84
C THR A 200 -13.73 -3.31 3.62
C THR A 200 -13.66 -3.18 3.40
N LEU A 201 -13.51 -2.12 4.19
CA LEU A 201 -12.25 -1.86 4.86
C LEU A 201 -12.51 -1.41 6.30
N ALA A 202 -12.18 -2.27 7.25
CA ALA A 202 -12.19 -1.87 8.65
C ALA A 202 -10.77 -1.44 9.02
N ILE A 203 -10.63 -0.20 9.45
CA ILE A 203 -9.34 0.36 9.80
C ILE A 203 -9.09 0.25 11.30
N PRO A 204 -8.00 -0.41 11.70
CA PRO A 204 -7.69 -0.62 13.12
C PRO A 204 -7.32 0.68 13.80
N ILE A 205 -7.26 0.66 15.13
CA ILE A 205 -7.22 1.88 15.93
C ILE A 205 -5.94 2.69 15.82
N ALA A 206 -4.82 2.04 15.54
CA ALA A 206 -3.53 2.73 15.66
C ALA A 206 -2.63 2.64 14.42
N VAL A 207 -3.13 2.07 13.34
CA VAL A 207 -2.30 1.97 12.13
C VAL A 207 -1.92 3.37 11.63
N GLU A 208 -0.66 3.53 11.24
CA GLU A 208 -0.14 4.83 10.85
C GLU A 208 -0.08 5.00 9.34
N GLU A 209 0.19 3.91 8.64
CA GLU A 209 0.17 3.93 7.17
C GLU A 209 -0.60 2.73 6.68
N LEU A 210 -1.63 3.00 5.87
CA LEU A 210 -2.47 1.94 5.35
C LEU A 210 -2.71 2.11 3.87
N ASP A 211 -2.39 1.08 3.10
CA ASP A 211 -2.62 1.08 1.67
C ASP A 211 -3.65 0.02 1.34
N ALA A 212 -4.82 0.44 0.87
CA ALA A 212 -5.84 -0.47 0.39
C ALA A 212 -6.23 -0.11 -1.04
N SER A 213 -5.27 0.44 -1.78
CA SER A 213 -5.51 0.82 -3.17
C SER A 213 -5.75 -0.42 -4.03
N HIS A 214 -6.37 -0.19 -5.19
CA HIS A 214 -6.63 -1.28 -6.14
C HIS A 214 -7.40 -2.44 -5.52
N ASN A 215 -8.55 -2.10 -4.95
CA ASN A 215 -9.51 -3.10 -4.52
C ASN A 215 -10.88 -2.73 -5.08
N SER A 216 -11.94 -3.16 -4.39
CA SER A 216 -13.32 -2.84 -4.78
C SER A 216 -14.05 -2.24 -3.59
N ILE A 217 -13.34 -1.48 -2.78
CA ILE A 217 -13.86 -1.02 -1.50
C ILE A 217 -14.94 0.04 -1.68
N ASN A 218 -16.07 -0.16 -1.00
CA ASN A 218 -17.16 0.82 -1.08
C ASN A 218 -17.60 1.28 0.30
N VAL A 219 -16.99 0.70 1.33
CA VAL A 219 -17.29 1.06 2.71
C VAL A 219 -16.03 1.11 3.57
N VAL A 220 -15.87 2.20 4.31
CA VAL A 220 -14.79 2.33 5.29
C VAL A 220 -15.36 2.40 6.70
N ARG A 221 -14.87 1.55 7.61
CA ARG A 221 -15.34 1.51 8.99
C ARG A 221 -14.20 1.52 9.99
N GLY A 222 -14.50 1.83 11.24
CA GLY A 222 -13.51 1.78 12.30
C GLY A 222 -13.56 2.96 13.25
N PRO A 223 -12.91 2.82 14.41
CA PRO A 223 -12.89 3.84 15.47
C PRO A 223 -11.99 5.02 15.13
N VAL A 224 -12.19 6.14 15.83
CA VAL A 224 -11.31 7.29 15.70
C VAL A 224 -9.87 6.85 15.91
N ASN A 225 -9.04 7.11 14.91
CA ASN A 225 -7.63 6.72 14.91
C ASN A 225 -6.79 7.97 14.69
N VAL A 226 -6.02 8.35 15.71
CA VAL A 226 -5.26 9.60 15.65
C VAL A 226 -3.86 9.40 15.09
N GLU A 227 -3.50 8.15 14.80
CA GLU A 227 -2.17 7.82 14.29
C GLU A 227 -2.09 7.82 12.75
N LEU A 228 -3.20 7.51 12.09
CA LEU A 228 -3.19 7.36 10.63
C LEU A 228 -2.73 8.63 9.91
N THR A 229 -1.62 8.53 9.18
N THR A 229 -1.65 8.49 9.16
CA THR A 229 -1.04 9.68 8.51
CA THR A 229 -0.97 9.63 8.53
C THR A 229 -1.11 9.52 6.98
C THR A 229 -1.01 9.53 7.01
N ILE A 230 -0.87 8.31 6.51
CA ILE A 230 -0.91 8.05 5.08
C ILE A 230 -1.98 7.02 4.76
N LEU A 231 -2.97 7.43 3.96
CA LEU A 231 -4.06 6.54 3.59
C LEU A 231 -4.19 6.48 2.07
N LYS A 232 -3.89 5.31 1.50
N LYS A 232 -3.89 5.31 1.50
CA LYS A 232 -3.98 5.12 0.06
CA LYS A 232 -3.99 5.14 0.06
C LYS A 232 -5.23 4.32 -0.29
C LYS A 232 -5.22 4.32 -0.30
N LEU A 233 -6.19 4.96 -0.94
CA LEU A 233 -7.43 4.30 -1.32
C LEU A 233 -7.76 4.47 -2.81
N GLN A 234 -6.76 4.82 -3.62
CA GLN A 234 -7.02 5.04 -5.03
C GLN A 234 -7.42 3.72 -5.70
N HIS A 235 -8.23 3.81 -6.75
CA HIS A 235 -8.71 2.63 -7.47
C HIS A 235 -9.59 1.75 -6.58
N ASN A 236 -10.71 2.31 -6.15
CA ASN A 236 -11.72 1.56 -5.42
C ASN A 236 -13.11 1.99 -5.88
N ASN A 237 -14.12 1.77 -5.05
CA ASN A 237 -15.49 2.12 -5.44
C ASN A 237 -16.17 3.00 -4.40
N LEU A 238 -15.43 3.94 -3.85
CA LEU A 238 -15.96 4.82 -2.79
C LEU A 238 -16.93 5.85 -3.35
N THR A 239 -18.03 6.07 -2.64
CA THR A 239 -19.04 7.03 -3.06
C THR A 239 -19.26 8.13 -2.03
N ASP A 240 -18.63 8.00 -0.86
CA ASP A 240 -18.73 9.03 0.16
C ASP A 240 -17.40 9.25 0.88
N THR A 241 -17.34 10.31 1.68
CA THR A 241 -16.10 10.69 2.36
C THR A 241 -16.30 11.02 3.84
N ALA A 242 -17.52 10.87 4.33
CA ALA A 242 -17.84 11.25 5.71
C ALA A 242 -16.92 10.60 6.75
N TRP A 243 -16.54 9.35 6.48
CA TRP A 243 -15.68 8.59 7.38
C TRP A 243 -14.31 9.26 7.62
N LEU A 244 -13.95 10.22 6.77
CA LEU A 244 -12.68 10.94 6.95
C LEU A 244 -12.61 11.70 8.27
N LEU A 245 -13.76 11.98 8.86
N LEU A 245 -13.77 11.99 8.85
CA LEU A 245 -13.84 12.71 10.12
CA LEU A 245 -13.84 12.71 10.12
C LEU A 245 -13.14 11.95 11.24
C LEU A 245 -13.18 11.94 11.25
N ASN A 246 -12.97 10.65 11.03
CA ASN A 246 -12.39 9.78 12.06
C ASN A 246 -10.86 9.72 12.06
N TYR A 247 -10.24 10.46 11.14
CA TYR A 247 -8.80 10.39 10.96
C TYR A 247 -8.14 11.77 10.95
N PRO A 248 -8.15 12.43 12.11
CA PRO A 248 -7.70 13.82 12.26
C PRO A 248 -6.20 14.01 12.04
N GLY A 249 -5.43 12.93 12.06
CA GLY A 249 -3.99 13.03 11.88
C GLY A 249 -3.49 12.86 10.46
N LEU A 250 -4.40 12.69 9.50
CA LEU A 250 -3.99 12.42 8.13
C LEU A 250 -3.11 13.53 7.55
N VAL A 251 -2.04 13.12 6.87
CA VAL A 251 -1.19 14.06 6.14
C VAL A 251 -1.40 13.92 4.64
N GLU A 252 -1.63 12.68 4.21
CA GLU A 252 -1.95 12.41 2.80
C GLU A 252 -3.05 11.38 2.67
N VAL A 253 -4.04 11.68 1.81
CA VAL A 253 -5.02 10.68 1.45
C VAL A 253 -5.24 10.70 -0.06
N ASP A 254 -5.22 9.51 -0.66
CA ASP A 254 -5.43 9.41 -2.10
C ASP A 254 -6.76 8.73 -2.36
N LEU A 255 -7.71 9.50 -2.89
CA LEU A 255 -9.04 9.03 -3.22
C LEU A 255 -9.26 8.96 -4.74
N SER A 256 -8.18 9.03 -5.49
N SER A 256 -8.19 9.05 -5.50
CA SER A 256 -8.28 9.04 -6.95
CA SER A 256 -8.31 9.06 -6.96
C SER A 256 -8.90 7.74 -7.46
C SER A 256 -8.88 7.75 -7.48
N TYR A 257 -9.50 7.80 -8.66
CA TYR A 257 -10.10 6.61 -9.27
C TYR A 257 -11.11 5.94 -8.34
N ASN A 258 -12.07 6.74 -7.86
CA ASN A 258 -13.22 6.24 -7.13
C ASN A 258 -14.49 6.78 -7.78
N GLU A 259 -15.60 6.75 -7.06
CA GLU A 259 -16.88 7.17 -7.63
C GLU A 259 -17.47 8.39 -6.93
N LEU A 260 -16.60 9.28 -6.46
CA LEU A 260 -17.06 10.44 -5.72
C LEU A 260 -17.68 11.47 -6.65
N GLU A 261 -18.81 12.04 -6.24
CA GLU A 261 -19.53 12.99 -7.08
C GLU A 261 -19.45 14.41 -6.54
N LYS A 262 -19.11 14.55 -5.26
CA LYS A 262 -18.87 15.86 -4.70
C LYS A 262 -17.88 15.82 -3.55
N ILE A 263 -17.19 16.94 -3.34
CA ILE A 263 -16.30 17.12 -2.21
C ILE A 263 -16.73 18.35 -1.43
N MET A 264 -17.09 18.16 -0.17
CA MET A 264 -17.49 19.24 0.73
C MET A 264 -16.47 19.37 1.84
N TYR A 265 -16.49 20.52 2.53
CA TYR A 265 -15.50 20.77 3.57
C TYR A 265 -15.81 20.00 4.86
N HIS A 266 -17.06 19.59 5.03
CA HIS A 266 -17.48 19.00 6.30
C HIS A 266 -16.61 17.86 6.83
N PRO A 267 -16.29 16.86 5.98
CA PRO A 267 -15.50 15.73 6.46
C PRO A 267 -14.07 16.08 6.85
N PHE A 268 -13.61 17.27 6.49
CA PHE A 268 -12.22 17.66 6.70
C PHE A 268 -12.00 18.63 7.86
N VAL A 269 -13.08 19.03 8.54
CA VAL A 269 -12.99 20.07 9.55
C VAL A 269 -12.13 19.69 10.75
N LYS A 270 -11.90 18.39 10.94
CA LYS A 270 -11.11 17.92 12.07
C LYS A 270 -9.66 17.64 11.68
N MET A 271 -9.34 17.86 10.41
CA MET A 271 -7.98 17.63 9.92
C MET A 271 -7.03 18.67 10.53
N GLN A 272 -6.04 18.19 11.25
CA GLN A 272 -5.08 19.07 11.91
C GLN A 272 -3.85 19.37 11.06
N ARG A 273 -3.54 18.48 10.12
CA ARG A 273 -2.28 18.60 9.39
C ARG A 273 -2.30 18.01 7.98
N LEU A 274 -3.49 17.84 7.42
CA LEU A 274 -3.61 17.31 6.06
C LEU A 274 -2.88 18.20 5.05
N GLU A 275 -1.96 17.63 4.29
CA GLU A 275 -1.17 18.39 3.32
C GLU A 275 -1.45 18.00 1.87
N ARG A 276 -1.77 16.74 1.63
CA ARG A 276 -1.94 16.25 0.27
C ARG A 276 -3.24 15.48 0.09
N LEU A 277 -4.06 15.96 -0.84
CA LEU A 277 -5.38 15.39 -1.10
C LEU A 277 -5.53 15.12 -2.57
N TYR A 278 -5.53 13.83 -2.95
CA TYR A 278 -5.65 13.46 -4.34
C TYR A 278 -7.05 12.93 -4.63
N ILE A 279 -7.72 13.53 -5.61
CA ILE A 279 -9.07 13.13 -5.96
C ILE A 279 -9.26 13.10 -7.48
N SER A 280 -8.22 12.72 -8.22
CA SER A 280 -8.33 12.74 -9.67
C SER A 280 -9.20 11.57 -10.13
N ASN A 281 -9.72 11.66 -11.34
CA ASN A 281 -10.41 10.53 -11.95
C ASN A 281 -11.55 9.98 -11.12
N ASN A 282 -12.35 10.89 -10.56
CA ASN A 282 -13.62 10.53 -9.96
C ASN A 282 -14.73 11.03 -10.87
N ARG A 283 -15.86 11.40 -10.29
CA ARG A 283 -16.94 11.97 -11.08
C ARG A 283 -17.44 13.26 -10.45
N LEU A 284 -16.51 14.08 -9.97
CA LEU A 284 -16.87 15.27 -9.23
C LEU A 284 -17.59 16.29 -10.10
N VAL A 285 -18.73 16.76 -9.62
CA VAL A 285 -19.45 17.84 -10.28
C VAL A 285 -19.59 19.03 -9.35
N ALA A 286 -19.19 18.85 -8.10
CA ALA A 286 -19.36 19.88 -7.09
C ALA A 286 -18.18 19.90 -6.11
N LEU A 287 -17.72 21.10 -5.78
CA LEU A 287 -16.60 21.26 -4.86
C LEU A 287 -16.80 22.46 -3.95
N ASN A 288 -16.85 22.21 -2.65
CA ASN A 288 -16.90 23.31 -1.69
C ASN A 288 -15.89 23.12 -0.58
N LEU A 289 -14.74 23.77 -0.72
CA LEU A 289 -13.75 23.85 0.34
C LEU A 289 -13.59 25.30 0.80
N TYR A 290 -14.61 26.11 0.53
CA TYR A 290 -14.59 27.52 0.93
C TYR A 290 -15.41 27.80 2.21
N GLY A 291 -16.38 26.93 2.50
CA GLY A 291 -17.11 27.02 3.75
C GLY A 291 -16.15 26.99 4.93
N GLN A 292 -15.19 26.07 4.85
CA GLN A 292 -14.08 26.03 5.80
C GLN A 292 -12.87 25.38 5.11
N PRO A 293 -11.95 26.22 4.62
CA PRO A 293 -10.77 25.69 3.94
C PRO A 293 -9.92 24.83 4.86
N ILE A 294 -9.12 23.97 4.26
CA ILE A 294 -8.16 23.15 5.01
C ILE A 294 -6.86 23.95 5.05
N PRO A 295 -6.56 24.55 6.21
CA PRO A 295 -5.46 25.51 6.38
C PRO A 295 -4.11 24.97 5.96
N THR A 296 -3.86 23.70 6.25
CA THR A 296 -2.54 23.10 6.03
C THR A 296 -2.37 22.50 4.63
N LEU A 297 -3.41 22.53 3.81
CA LEU A 297 -3.35 21.85 2.52
C LEU A 297 -2.35 22.47 1.56
N LYS A 298 -1.53 21.62 0.92
CA LYS A 298 -0.49 22.06 0.00
C LYS A 298 -0.73 21.53 -1.41
N VAL A 299 -1.27 20.33 -1.52
CA VAL A 299 -1.46 19.69 -2.82
C VAL A 299 -2.91 19.24 -2.98
N LEU A 300 -3.54 19.65 -4.07
CA LEU A 300 -4.92 19.27 -4.34
C LEU A 300 -5.04 18.85 -5.80
N ASP A 301 -5.33 17.58 -6.02
CA ASP A 301 -5.47 17.06 -7.36
C ASP A 301 -6.92 16.80 -7.68
N LEU A 302 -7.48 17.63 -8.55
CA LEU A 302 -8.88 17.50 -8.97
C LEU A 302 -8.98 17.18 -10.46
N SER A 303 -7.87 16.77 -11.05
CA SER A 303 -7.84 16.53 -12.50
C SER A 303 -8.74 15.36 -12.90
N HIS A 304 -9.23 15.40 -14.14
CA HIS A 304 -10.04 14.31 -14.69
C HIS A 304 -11.32 14.09 -13.90
N ASN A 305 -12.11 15.15 -13.79
CA ASN A 305 -13.44 15.05 -13.20
C ASN A 305 -14.43 15.78 -14.11
N HIS A 306 -15.57 16.19 -13.56
CA HIS A 306 -16.59 16.86 -14.35
C HIS A 306 -16.96 18.20 -13.74
N LEU A 307 -15.95 18.90 -13.20
CA LEU A 307 -16.17 20.17 -12.54
C LEU A 307 -16.49 21.26 -13.54
N LEU A 308 -17.41 22.15 -13.17
CA LEU A 308 -17.83 23.23 -14.05
C LEU A 308 -17.55 24.60 -13.42
N HIS A 309 -17.94 24.75 -12.16
CA HIS A 309 -17.79 26.03 -11.47
C HIS A 309 -17.12 25.84 -10.12
N VAL A 310 -15.92 26.40 -9.97
CA VAL A 310 -15.11 26.17 -8.79
C VAL A 310 -14.49 27.46 -8.25
N GLU A 311 -14.81 28.59 -8.87
CA GLU A 311 -14.17 29.84 -8.54
C GLU A 311 -14.33 30.24 -7.05
N ARG A 312 -15.46 29.87 -6.46
CA ARG A 312 -15.70 30.21 -5.06
C ARG A 312 -14.67 29.57 -4.12
N ASN A 313 -13.91 28.61 -4.64
CA ASN A 313 -12.91 27.92 -3.83
C ASN A 313 -11.61 28.71 -3.68
N GLN A 314 -11.61 29.94 -4.17
CA GLN A 314 -10.42 30.80 -4.12
C GLN A 314 -9.63 30.75 -2.80
N PRO A 315 -10.32 30.88 -1.65
CA PRO A 315 -9.59 30.90 -0.37
C PRO A 315 -8.81 29.61 -0.12
N GLN A 316 -9.31 28.48 -0.62
CA GLN A 316 -8.59 27.22 -0.50
C GLN A 316 -7.42 27.19 -1.49
N PHE A 317 -7.70 27.58 -2.74
CA PHE A 317 -6.68 27.57 -3.79
C PHE A 317 -5.51 28.50 -3.47
N ASP A 318 -5.82 29.65 -2.87
CA ASP A 318 -4.81 30.69 -2.59
C ASP A 318 -3.68 30.20 -1.70
N ARG A 319 -3.95 29.17 -0.90
CA ARG A 319 -2.99 28.67 0.07
C ARG A 319 -2.19 27.46 -0.42
N LEU A 320 -2.55 26.94 -1.59
CA LEU A 320 -1.91 25.73 -2.10
C LEU A 320 -0.55 25.99 -2.75
N GLU A 321 0.25 24.94 -2.87
CA GLU A 321 1.48 25.01 -3.63
C GLU A 321 1.27 24.32 -4.97
N ASN A 322 0.46 23.27 -4.97
CA ASN A 322 0.16 22.53 -6.19
C ASN A 322 -1.34 22.34 -6.38
N LEU A 323 -1.86 22.78 -7.52
CA LEU A 323 -3.29 22.60 -7.81
C LEU A 323 -3.45 22.06 -9.23
N TYR A 324 -4.15 20.93 -9.35
CA TYR A 324 -4.33 20.33 -10.67
C TYR A 324 -5.79 20.35 -11.07
N LEU A 325 -6.11 21.15 -12.10
CA LEU A 325 -7.49 21.32 -12.53
C LEU A 325 -7.72 20.78 -13.94
N ASP A 326 -6.66 20.34 -14.60
CA ASP A 326 -6.76 19.90 -15.98
C ASP A 326 -7.81 18.80 -16.16
N HIS A 327 -8.37 18.73 -17.36
CA HIS A 327 -9.36 17.71 -17.71
C HIS A 327 -10.64 17.76 -16.88
N ASN A 328 -11.27 18.92 -16.89
CA ASN A 328 -12.61 19.11 -16.37
C ASN A 328 -13.38 19.94 -17.39
N SER A 329 -14.43 20.64 -16.93
CA SER A 329 -15.15 21.58 -17.80
C SER A 329 -15.25 22.94 -17.13
N ILE A 330 -14.17 23.35 -16.48
CA ILE A 330 -14.14 24.56 -15.67
C ILE A 330 -14.18 25.83 -16.52
N VAL A 331 -14.98 26.81 -16.11
N VAL A 331 -14.98 26.81 -16.09
CA VAL A 331 -15.17 28.04 -16.86
CA VAL A 331 -15.17 28.03 -16.87
C VAL A 331 -14.32 29.18 -16.33
C VAL A 331 -14.36 29.21 -16.33
N THR A 332 -14.21 29.29 -15.01
CA THR A 332 -13.46 30.38 -14.39
C THR A 332 -12.57 29.94 -13.23
N LEU A 333 -11.55 30.75 -12.96
CA LEU A 333 -10.68 30.53 -11.82
C LEU A 333 -10.15 31.89 -11.37
N LYS A 334 -10.21 32.14 -10.07
N LYS A 334 -10.21 32.14 -10.07
CA LYS A 334 -9.71 33.39 -9.50
CA LYS A 334 -9.72 33.38 -9.50
C LYS A 334 -8.66 33.15 -8.44
C LYS A 334 -8.64 33.12 -8.45
N LEU A 335 -7.55 33.87 -8.54
CA LEU A 335 -6.48 33.78 -7.55
C LEU A 335 -6.14 35.16 -7.03
N SER A 336 -5.81 35.25 -5.74
CA SER A 336 -5.38 36.51 -5.15
C SER A 336 -3.97 36.84 -5.58
N THR A 337 -3.60 38.11 -5.47
CA THR A 337 -2.27 38.56 -5.85
C THR A 337 -1.19 37.82 -5.07
N HIS A 338 -1.54 37.39 -3.86
CA HIS A 338 -0.58 36.80 -2.94
C HIS A 338 -0.66 35.28 -2.83
N HIS A 339 -1.28 34.64 -3.83
CA HIS A 339 -1.41 33.19 -3.81
C HIS A 339 -0.04 32.53 -3.79
N THR A 340 0.04 31.30 -3.30
CA THR A 340 1.31 30.62 -3.12
C THR A 340 1.55 29.48 -4.12
N LEU A 341 0.75 29.42 -5.18
CA LEU A 341 0.87 28.32 -6.14
C LEU A 341 2.22 28.29 -6.86
N LYS A 342 2.81 27.10 -6.94
CA LYS A 342 4.07 26.88 -7.63
C LYS A 342 3.89 25.96 -8.84
N ASN A 343 2.82 25.17 -8.81
CA ASN A 343 2.51 24.25 -9.91
C ASN A 343 1.00 24.20 -10.12
N LEU A 344 0.57 24.61 -11.31
CA LEU A 344 -0.85 24.70 -11.64
C LEU A 344 -1.12 24.10 -13.02
N THR A 345 -2.10 23.19 -13.12
CA THR A 345 -2.52 22.68 -14.42
C THR A 345 -3.92 23.18 -14.76
N LEU A 346 -4.13 23.54 -16.02
CA LEU A 346 -5.35 24.26 -16.43
C LEU A 346 -5.93 23.79 -17.76
N SER A 347 -5.19 22.96 -18.48
CA SER A 347 -5.59 22.59 -19.83
C SER A 347 -6.80 21.64 -19.86
N HIS A 348 -7.39 21.52 -21.04
CA HIS A 348 -8.57 20.68 -21.23
C HIS A 348 -9.70 21.06 -20.27
N ASN A 349 -10.13 22.32 -20.35
CA ASN A 349 -11.30 22.77 -19.62
C ASN A 349 -12.26 23.51 -20.54
N ASP A 350 -12.97 24.51 -20.01
CA ASP A 350 -13.95 25.25 -20.82
C ASP A 350 -13.92 26.74 -20.45
N TRP A 351 -12.73 27.33 -20.54
CA TRP A 351 -12.47 28.65 -20.00
C TRP A 351 -13.26 29.80 -20.63
N ASP A 352 -13.66 30.73 -19.79
CA ASP A 352 -14.09 32.05 -20.23
C ASP A 352 -12.83 32.87 -20.43
N CYS A 353 -12.72 33.55 -21.57
CA CYS A 353 -11.51 34.29 -21.89
C CYS A 353 -11.17 35.38 -20.88
N ASN A 354 -12.18 36.14 -20.45
CA ASN A 354 -11.95 37.21 -19.49
C ASN A 354 -11.35 36.68 -18.19
N SER A 355 -11.82 35.52 -17.75
CA SER A 355 -11.29 34.90 -16.55
C SER A 355 -9.81 34.56 -16.69
N LEU A 356 -9.43 34.05 -17.86
CA LEU A 356 -8.02 33.74 -18.12
C LEU A 356 -7.13 34.98 -18.16
N ARG A 357 -7.63 36.06 -18.74
CA ARG A 357 -6.86 37.30 -18.76
C ARG A 357 -6.61 37.81 -17.35
N ALA A 358 -7.64 37.79 -16.51
CA ALA A 358 -7.49 38.19 -15.12
C ALA A 358 -6.54 37.26 -14.39
N LEU A 359 -6.71 35.96 -14.61
CA LEU A 359 -5.90 34.96 -13.92
C LEU A 359 -4.42 35.22 -14.14
N PHE A 360 -4.03 35.42 -15.39
CA PHE A 360 -2.62 35.55 -15.75
C PHE A 360 -1.98 36.88 -15.34
N ARG A 361 -2.74 37.75 -14.69
CA ARG A 361 -2.15 38.93 -14.06
C ARG A 361 -1.34 38.51 -12.83
N ASN A 362 -1.67 37.34 -12.28
CA ASN A 362 -1.06 36.87 -11.02
C ASN A 362 -0.31 35.55 -11.11
N VAL A 363 -0.40 34.87 -12.24
CA VAL A 363 0.31 33.60 -12.42
C VAL A 363 0.67 33.45 -13.89
N ALA A 364 1.74 32.70 -14.16
CA ALA A 364 2.19 32.49 -15.53
C ALA A 364 2.99 31.21 -15.65
N ARG A 365 3.66 31.02 -16.77
CA ARG A 365 4.51 29.87 -16.98
C ARG A 365 5.94 30.20 -16.54
N PRO A 366 6.65 29.19 -16.01
CA PRO A 366 6.27 27.78 -16.01
C PRO A 366 5.49 27.30 -14.76
N ALA A 367 5.05 28.19 -13.89
CA ALA A 367 4.22 27.77 -12.76
C ALA A 367 3.00 27.04 -13.31
N VAL A 368 2.33 27.67 -14.28
CA VAL A 368 1.34 26.98 -15.09
C VAL A 368 2.07 25.94 -15.93
N ASP A 369 1.76 24.67 -15.69
CA ASP A 369 2.57 23.57 -16.21
C ASP A 369 2.14 23.09 -17.57
N ASP A 370 0.94 23.48 -18.00
CA ASP A 370 0.40 22.96 -19.25
C ASP A 370 -0.24 24.00 -20.16
N ALA A 371 -0.78 23.53 -21.28
CA ALA A 371 -1.40 24.40 -22.28
C ALA A 371 -2.26 23.56 -23.22
N ASP A 372 -3.14 24.22 -23.96
CA ASP A 372 -3.91 23.56 -25.01
C ASP A 372 -3.20 23.81 -26.34
N GLN A 373 -3.20 22.81 -27.22
CA GLN A 373 -2.54 22.96 -28.51
C GLN A 373 -3.49 23.47 -29.58
N HIS A 374 -4.71 22.94 -29.58
CA HIS A 374 -5.71 23.34 -30.56
C HIS A 374 -7.05 23.63 -29.89
N CYS A 375 -7.85 24.50 -30.48
CA CYS A 375 -9.14 24.85 -29.92
C CYS A 375 -10.24 24.63 -30.93
N LYS A 376 -11.45 24.40 -30.46
CA LYS A 376 -12.61 24.28 -31.34
C LYS A 376 -13.01 25.63 -31.92
N ILE A 377 -13.91 25.59 -32.90
CA ILE A 377 -14.26 26.75 -33.71
C ILE A 377 -14.62 28.02 -32.95
N ASP A 378 -15.40 27.89 -31.88
CA ASP A 378 -15.85 29.05 -31.11
C ASP A 378 -14.83 29.53 -30.10
N TYR A 379 -13.67 28.88 -30.08
CA TYR A 379 -12.68 29.16 -29.05
C TYR A 379 -11.38 29.71 -29.63
N GLN A 380 -10.55 30.28 -28.77
CA GLN A 380 -9.26 30.81 -29.16
C GLN A 380 -8.29 30.63 -28.00
N LEU A 381 -7.00 30.76 -28.27
CA LEU A 381 -6.00 30.69 -27.22
C LEU A 381 -5.88 32.02 -26.46
N GLU A 382 -5.94 31.93 -25.14
CA GLU A 382 -5.67 33.06 -24.27
C GLU A 382 -4.59 32.58 -23.29
N HIS A 383 -3.41 33.16 -23.40
CA HIS A 383 -2.27 32.70 -22.62
C HIS A 383 -2.10 31.19 -22.72
N GLY A 384 -2.20 30.67 -23.94
CA GLY A 384 -1.89 29.29 -24.23
C GLY A 384 -2.98 28.29 -23.90
N LEU A 385 -4.16 28.79 -23.55
CA LEU A 385 -5.28 27.95 -23.15
C LEU A 385 -6.56 28.31 -23.91
N CYS A 386 -7.30 27.29 -24.35
CA CYS A 386 -8.53 27.53 -25.09
C CYS A 386 -9.59 28.24 -24.26
N CYS A 387 -10.26 29.20 -24.86
CA CYS A 387 -11.33 29.91 -24.17
C CYS A 387 -12.34 30.49 -25.15
N LYS A 388 -13.52 30.80 -24.64
CA LYS A 388 -14.55 31.46 -25.43
C LYS A 388 -14.88 32.81 -24.82
N GLU A 389 -15.06 33.82 -25.68
CA GLU A 389 -15.43 35.15 -25.25
C GLU A 389 -16.94 35.24 -25.04
N SER A 390 -17.35 35.95 -24.00
CA SER A 390 -18.76 36.16 -23.73
C SER A 390 -19.04 37.59 -23.29
C1 NAG B . 1.92 -1.32 -0.65
C2 NAG B . 2.76 -0.04 -0.56
C3 NAG B . 3.25 0.43 -1.94
C4 NAG B . 3.88 -0.72 -2.73
C5 NAG B . 2.99 -1.95 -2.68
C6 NAG B . 3.71 -3.15 -3.31
C7 NAG B . 2.57 1.81 0.99
C8 NAG B . 1.85 3.09 1.31
N2 NAG B . 2.02 1.03 0.06
O3 NAG B . 4.18 1.47 -1.75
O4 NAG B . 4.04 -0.34 -4.08
O5 NAG B . 2.65 -2.30 -1.35
O6 NAG B . 4.75 -3.55 -2.46
O7 NAG B . 3.62 1.52 1.56
C1 NAG B . 5.28 0.36 -4.32
C2 NAG B . 5.90 -0.18 -5.61
C3 NAG B . 6.99 0.70 -6.22
C4 NAG B . 6.52 2.15 -6.24
C5 NAG B . 6.16 2.55 -4.82
C6 NAG B . 5.78 4.02 -4.76
C7 NAG B . 5.98 -2.55 -6.11
C8 NAG B . 6.70 -3.86 -5.95
N2 NAG B . 6.43 -1.53 -5.40
O3 NAG B . 7.27 0.28 -7.54
O4 NAG B . 7.55 2.98 -6.74
O5 NAG B . 5.07 1.77 -4.36
O6 NAG B . 5.40 4.36 -3.45
O7 NAG B . 5.03 -2.46 -6.89
C1 NAG C . -15.75 -0.75 -8.98
C2 NAG C . -16.94 -1.53 -9.55
C3 NAG C . -16.63 -2.27 -10.85
C4 NAG C . -15.75 -1.45 -11.78
C5 NAG C . -14.56 -0.87 -11.02
C6 NAG C . -13.66 -0.06 -11.92
C7 NAG C . -18.62 -2.50 -8.08
C8 NAG C . -19.06 -3.76 -7.39
N2 NAG C . -17.38 -2.50 -8.56
O3 NAG C . -17.84 -2.57 -11.51
O4 NAG C . -15.30 -2.27 -12.84
O5 NAG C . -15.04 -0.06 -9.97
O6 NAG C . -14.34 1.09 -12.37
O7 NAG C . -19.38 -1.53 -8.20
C1 NAG D . 3.86 20.10 -11.92
C2 NAG D . 5.23 19.48 -12.14
C3 NAG D . 5.19 18.30 -13.11
C4 NAG D . 4.04 17.36 -12.78
C5 NAG D . 2.74 18.13 -12.61
C6 NAG D . 1.61 17.19 -12.22
C7 NAG D . 7.17 20.94 -11.95
C8 NAG D . 7.95 22.08 -12.53
N2 NAG D . 6.15 20.49 -12.67
O3 NAG D . 6.41 17.60 -13.04
O4 NAG D . 3.91 16.41 -13.82
O5 NAG D . 2.89 19.12 -11.62
O6 NAG D . 0.68 17.10 -13.27
O7 NAG D . 7.50 20.44 -10.87
#